data_4WK8
#
_entry.id   4WK8
#
_cell.length_a   81.431
_cell.length_b   84.837
_cell.length_c   68.310
_cell.angle_alpha   90.00
_cell.angle_beta   90.00
_cell.angle_gamma   90.00
#
_symmetry.space_group_name_H-M   'P 21 21 2'
#
loop_
_entity.id
_entity.type
_entity.pdbx_description
1 polymer "DNA (5'-D(*TP*TP*AP*GP*GP*AP*AP*AP*AP*TP*TP*TP*GP*TP*TP*TP*CP*AP*TP*AP*G)-3')"
2 polymer "DNA (5'-D(*AP*AP*CP*TP*AP*TP*GP*AP*AP*AP*CP*AP*AP*AP*TP*TP*TP*TP*CP*CP*T)-3')"
3 polymer 'Forkhead box protein P3'
#
loop_
_entity_poly.entity_id
_entity_poly.type
_entity_poly.pdbx_seq_one_letter_code
_entity_poly.pdbx_strand_id
1 'polydeoxyribonucleotide'
;(DT)(DT)(DA)(DG)(DG)(DA)(DA)(DA)(DA)(DT)(DT)(DT)(DG)(DT)(DT)(DT)(DC)(DA)(DT)(DA)
(DG)
;
A
2 'polydeoxyribonucleotide'
;(DA)(DA)(DC)(DT)(DA)(DT)(DG)(DA)(DA)(DA)(DC)(DA)(DA)(DA)(DT)(DT)(DT)(DT)(DC)(DC)
(DT)
;
B
3 'polypeptide(L)'
;MRPPFTYATLIRWAILEAPEKQRTLNEIYHWFTRMFAFFRNHPATWKNAIRHNLSLHKCFVRVESEKGAVWTVDELEFRK
KR
;
F,G
#
loop_
_chem_comp.id
_chem_comp.type
_chem_comp.name
_chem_comp.formula
DA DNA linking 2'-DEOXYADENOSINE-5'-MONOPHOSPHATE 'C10 H14 N5 O6 P'
DC DNA linking 2'-DEOXYCYTIDINE-5'-MONOPHOSPHATE 'C9 H14 N3 O7 P'
DG DNA linking 2'-DEOXYGUANOSINE-5'-MONOPHOSPHATE 'C10 H14 N5 O7 P'
DT DNA linking THYMIDINE-5'-MONOPHOSPHATE 'C10 H15 N2 O8 P'
#
# COMPACT_ATOMS: atom_id res chain seq x y z
N ARG C 2 -3.08 10.70 12.67
CA ARG C 2 -3.20 10.97 11.24
C ARG C 2 -1.87 11.16 10.49
N PRO C 3 -0.86 10.29 10.74
CA PRO C 3 0.44 10.55 10.09
C PRO C 3 0.37 10.39 8.55
N PRO C 4 0.70 11.45 7.77
CA PRO C 4 0.33 11.42 6.34
C PRO C 4 1.31 10.57 5.54
N PHE C 5 1.16 10.47 4.22
CA PHE C 5 2.01 9.53 3.49
C PHE C 5 3.14 10.19 2.75
N THR C 6 4.33 9.67 2.96
CA THR C 6 5.49 10.21 2.28
C THR C 6 5.99 9.26 1.20
N TYR C 7 6.75 9.84 0.27
CA TYR C 7 7.28 9.10 -0.87
C TYR C 7 8.04 7.87 -0.38
N ALA C 8 9.03 8.13 0.46
CA ALA C 8 9.71 7.14 1.27
C ALA C 8 8.81 5.94 1.59
N THR C 9 7.70 6.20 2.24
CA THR C 9 6.82 5.13 2.65
C THR C 9 6.24 4.35 1.50
N LEU C 10 5.64 5.08 0.56
CA LEU C 10 4.87 4.43 -0.49
C LEU C 10 5.81 3.56 -1.25
N ILE C 11 6.98 4.09 -1.55
CA ILE C 11 8.03 3.28 -2.13
C ILE C 11 8.27 2.00 -1.32
N ARG C 12 8.42 2.08 0.00
CA ARG C 12 8.61 0.83 0.78
C ARG C 12 7.48 -0.14 0.53
N TRP C 13 6.28 0.39 0.52
CA TRP C 13 5.12 -0.45 0.43
C TRP C 13 5.13 -1.17 -0.91
N ALA C 14 5.49 -0.46 -1.97
CA ALA C 14 5.45 -1.01 -3.31
C ALA C 14 6.59 -2.00 -3.59
N ILE C 15 7.73 -1.76 -2.96
CA ILE C 15 8.88 -2.65 -3.13
C ILE C 15 8.52 -3.94 -2.41
N LEU C 16 7.85 -3.78 -1.27
CA LEU C 16 7.53 -4.92 -0.43
C LEU C 16 6.42 -5.81 -0.96
N GLU C 17 5.73 -5.36 -2.01
CA GLU C 17 4.68 -6.15 -2.65
C GLU C 17 5.18 -6.89 -3.86
N ALA C 18 6.50 -6.87 -4.00
CA ALA C 18 7.16 -7.71 -4.97
C ALA C 18 7.14 -9.09 -4.43
N PRO C 19 6.97 -10.08 -5.31
CA PRO C 19 7.20 -11.50 -5.00
C PRO C 19 8.53 -11.75 -4.23
N GLU C 20 9.54 -10.90 -4.44
CA GLU C 20 10.91 -11.14 -3.96
C GLU C 20 11.46 -10.03 -3.06
N LYS C 21 10.61 -9.05 -2.78
CA LYS C 21 11.03 -7.87 -2.04
C LYS C 21 12.09 -7.09 -2.85
N GLN C 22 11.92 -7.07 -4.18
CA GLN C 22 12.68 -6.16 -5.07
C GLN C 22 11.89 -5.74 -6.31
N ARG C 23 12.14 -4.53 -6.79
CA ARG C 23 11.43 -4.03 -7.98
C ARG C 23 12.27 -3.01 -8.76
N THR C 24 12.06 -2.95 -10.07
CA THR C 24 12.68 -1.97 -10.94
C THR C 24 11.98 -0.66 -10.96
N LEU C 25 12.72 0.41 -10.68
CA LEU C 25 12.24 1.78 -10.86
C LEU C 25 11.00 1.90 -11.71
N ASN C 26 11.02 1.22 -12.84
CA ASN C 26 9.91 1.28 -13.72
C ASN C 26 8.69 0.55 -13.17
N GLU C 27 8.91 -0.62 -12.56
CA GLU C 27 7.79 -1.32 -11.92
C GLU C 27 7.20 -0.48 -10.81
N ILE C 28 8.09 0.28 -10.19
CA ILE C 28 7.64 1.14 -9.15
C ILE C 28 6.74 2.20 -9.75
N TYR C 29 7.13 2.81 -10.87
CA TYR C 29 6.24 3.74 -11.53
C TYR C 29 4.94 3.05 -11.60
N HIS C 30 4.92 1.88 -12.25
CA HIS C 30 3.69 1.13 -12.56
C HIS C 30 2.81 0.92 -11.39
N TRP C 31 3.44 0.89 -10.23
CA TRP C 31 2.73 0.72 -9.00
C TRP C 31 2.08 2.03 -8.64
N PHE C 32 2.89 3.07 -8.63
CA PHE C 32 2.35 4.39 -8.46
C PHE C 32 1.27 4.67 -9.50
N THR C 33 1.42 4.19 -10.71
CA THR C 33 0.49 4.53 -11.75
C THR C 33 -0.80 3.85 -11.48
N ARG C 34 -0.72 2.54 -11.23
CA ARG C 34 -1.87 1.77 -10.82
C ARG C 34 -2.61 2.51 -9.68
N MET C 35 -1.89 3.13 -8.75
CA MET C 35 -2.57 3.80 -7.66
C MET C 35 -3.14 5.21 -7.95
N PHE C 36 -2.36 6.07 -8.65
CA PHE C 36 -2.82 7.34 -9.23
C PHE C 36 -4.14 7.02 -9.91
N ALA C 37 -4.12 5.93 -10.66
CA ALA C 37 -5.27 5.45 -11.38
C ALA C 37 -6.33 4.86 -10.46
N PHE C 38 -6.68 5.57 -9.39
CA PHE C 38 -7.71 5.04 -8.52
C PHE C 38 -8.22 6.14 -7.70
N PHE C 39 -7.47 7.21 -7.64
CA PHE C 39 -7.85 8.21 -6.68
C PHE C 39 -8.15 9.50 -7.39
N ARG C 40 -9.38 9.49 -7.92
CA ARG C 40 -10.02 10.50 -8.72
C ARG C 40 -11.16 9.74 -9.39
N ASN C 41 -10.91 8.44 -9.60
CA ASN C 41 -11.88 7.45 -10.07
C ASN C 41 -12.39 6.65 -8.89
N HIS C 42 -12.36 7.31 -7.73
CA HIS C 42 -13.08 6.90 -6.56
C HIS C 42 -14.46 7.50 -6.66
N PRO C 43 -15.44 6.85 -6.05
CA PRO C 43 -16.79 7.43 -6.10
C PRO C 43 -17.03 8.32 -4.89
N ALA C 44 -18.22 8.90 -4.80
CA ALA C 44 -18.57 9.67 -3.60
C ALA C 44 -18.80 8.68 -2.46
N THR C 45 -19.58 7.64 -2.73
CA THR C 45 -19.65 6.57 -1.77
C THR C 45 -18.52 5.61 -2.12
N TRP C 46 -17.50 5.62 -1.26
CA TRP C 46 -16.48 4.58 -1.26
C TRP C 46 -16.61 3.83 0.05
N LYS C 47 -16.99 4.55 1.10
CA LYS C 47 -17.28 3.91 2.38
C LYS C 47 -18.30 2.78 2.22
N ASN C 48 -19.26 2.99 1.31
CA ASN C 48 -20.15 1.91 0.91
C ASN C 48 -19.36 0.74 0.30
N ALA C 49 -18.40 1.05 -0.57
CA ALA C 49 -17.66 -0.02 -1.24
C ALA C 49 -16.71 -0.78 -0.31
N ILE C 50 -16.17 -0.11 0.69
CA ILE C 50 -15.37 -0.85 1.65
C ILE C 50 -16.25 -1.73 2.51
N ARG C 51 -17.28 -1.16 3.15
CA ARG C 51 -18.20 -1.98 3.93
C ARG C 51 -18.53 -3.23 3.12
N HIS C 52 -18.85 -3.01 1.83
CA HIS C 52 -19.29 -4.09 0.96
C HIS C 52 -18.22 -5.14 0.84
N ASN C 53 -17.12 -4.82 0.19
CA ASN C 53 -16.05 -5.83 0.08
C ASN C 53 -15.69 -6.52 1.40
N LEU C 54 -15.86 -5.84 2.52
CA LEU C 54 -15.43 -6.41 3.78
C LEU C 54 -16.36 -7.55 4.14
N SER C 55 -17.66 -7.32 3.95
CA SER C 55 -18.58 -8.38 4.28
C SER C 55 -18.47 -9.48 3.26
N LEU C 56 -18.42 -9.09 1.99
CA LEU C 56 -18.56 -10.02 0.84
C LEU C 56 -17.46 -11.06 0.70
N HIS C 57 -16.21 -10.64 0.75
CA HIS C 57 -15.17 -11.61 0.53
C HIS C 57 -14.86 -12.40 1.80
N LYS C 58 -14.45 -13.62 1.60
CA LYS C 58 -14.13 -14.43 2.73
C LYS C 58 -12.77 -14.01 3.27
N CYS C 59 -11.97 -13.31 2.46
CA CYS C 59 -10.61 -12.99 2.92
C CYS C 59 -10.61 -12.04 4.12
N PHE C 60 -11.76 -11.41 4.37
CA PHE C 60 -11.87 -10.53 5.52
C PHE C 60 -12.76 -11.15 6.54
N VAL C 61 -12.22 -11.21 7.75
CA VAL C 61 -12.87 -11.82 8.87
C VAL C 61 -12.88 -10.87 10.05
N ARG C 62 -14.08 -10.58 10.52
CA ARG C 62 -14.27 -9.77 11.70
C ARG C 62 -13.96 -10.53 12.96
N VAL C 63 -13.06 -10.01 13.78
CA VAL C 63 -12.93 -10.54 15.13
C VAL C 63 -13.27 -9.40 16.11
N GLU C 64 -13.40 -9.72 17.39
CA GLU C 64 -14.06 -8.82 18.35
C GLU C 64 -13.10 -8.25 19.38
N SER C 65 -11.87 -8.73 19.34
CA SER C 65 -10.92 -8.48 20.42
C SER C 65 -10.49 -7.02 20.55
N GLU C 66 -9.92 -6.72 21.71
CA GLU C 66 -9.33 -5.41 22.04
C GLU C 66 -10.38 -4.34 22.27
N LYS C 67 -10.07 -3.16 21.74
CA LYS C 67 -10.81 -1.94 22.02
C LYS C 67 -12.26 -2.06 21.59
N GLY C 68 -12.45 -2.68 20.44
CA GLY C 68 -13.77 -2.88 19.90
C GLY C 68 -13.72 -4.01 18.91
N ALA C 69 -14.65 -4.00 17.96
CA ALA C 69 -14.70 -5.03 16.94
C ALA C 69 -13.92 -4.61 15.68
N VAL C 70 -13.01 -5.48 15.26
CA VAL C 70 -12.09 -5.17 14.18
C VAL C 70 -12.15 -6.17 13.02
N TRP C 71 -11.37 -5.85 11.99
CA TRP C 71 -11.31 -6.64 10.76
C TRP C 71 -9.94 -7.23 10.57
N THR C 72 -9.84 -8.49 10.19
CA THR C 72 -8.51 -9.03 9.89
C THR C 72 -8.52 -9.77 8.58
N VAL C 73 -7.33 -9.99 8.04
CA VAL C 73 -7.19 -10.69 6.77
C VAL C 73 -6.93 -12.17 6.96
N ASP C 74 -7.30 -12.96 5.96
CA ASP C 74 -6.91 -14.37 5.94
C ASP C 74 -6.02 -14.67 4.74
N GLU C 75 -4.70 -14.58 4.96
CA GLU C 75 -3.72 -14.61 3.88
C GLU C 75 -3.96 -15.78 2.92
N LEU C 76 -4.48 -16.87 3.48
CA LEU C 76 -4.84 -18.03 2.70
C LEU C 76 -5.93 -17.80 1.69
N GLU C 77 -7.04 -17.26 2.18
CA GLU C 77 -8.21 -17.03 1.35
C GLU C 77 -7.87 -16.05 0.27
N PHE C 78 -6.95 -15.15 0.61
CA PHE C 78 -6.56 -14.14 -0.34
C PHE C 78 -5.79 -14.82 -1.43
N ARG C 79 -4.81 -15.64 -1.04
CA ARG C 79 -3.90 -16.26 -2.01
C ARG C 79 -4.61 -16.99 -3.19
N LYS C 80 -5.86 -17.41 -3.01
CA LYS C 80 -6.59 -18.11 -4.09
C LYS C 80 -7.29 -17.20 -5.12
N LYS C 81 -7.58 -15.94 -4.74
CA LYS C 81 -8.32 -14.97 -5.58
C LYS C 81 -7.45 -14.37 -6.70
N ARG D 2 -3.83 0.79 -17.99
CA ARG D 2 -3.37 0.13 -16.76
C ARG D 2 -4.43 0.11 -15.63
N PRO D 3 -4.77 -1.10 -15.10
CA PRO D 3 -5.93 -1.24 -14.19
C PRO D 3 -5.79 -0.50 -12.86
N PRO D 4 -6.92 -0.16 -12.19
CA PRO D 4 -6.74 0.17 -10.77
C PRO D 4 -6.39 -1.10 -9.97
N PHE D 5 -5.95 -0.93 -8.73
CA PHE D 5 -5.97 -2.07 -7.85
C PHE D 5 -7.42 -2.19 -7.44
N THR D 6 -7.83 -3.34 -6.92
CA THR D 6 -9.19 -3.43 -6.45
C THR D 6 -9.30 -3.07 -5.03
N TYR D 7 -10.54 -2.73 -4.65
CA TYR D 7 -10.90 -2.48 -3.27
C TYR D 7 -10.27 -3.55 -2.40
N ALA D 8 -10.67 -4.80 -2.64
CA ALA D 8 -10.06 -5.92 -1.96
C ALA D 8 -8.54 -5.83 -1.73
N THR D 9 -7.76 -5.45 -2.75
CA THR D 9 -6.30 -5.40 -2.57
C THR D 9 -5.98 -4.30 -1.60
N LEU D 10 -6.38 -3.10 -1.94
CA LEU D 10 -6.13 -1.95 -1.08
C LEU D 10 -6.52 -2.21 0.38
N ILE D 11 -7.78 -2.57 0.58
CA ILE D 11 -8.31 -2.95 1.87
C ILE D 11 -7.40 -3.92 2.62
N ARG D 12 -7.02 -5.01 1.96
CA ARG D 12 -6.03 -5.91 2.53
C ARG D 12 -4.81 -5.13 3.05
N TRP D 13 -4.30 -4.24 2.20
CA TRP D 13 -3.11 -3.46 2.54
C TRP D 13 -3.29 -2.63 3.78
N ALA D 14 -4.39 -1.89 3.79
CA ALA D 14 -4.70 -1.03 4.90
C ALA D 14 -4.71 -1.86 6.17
N ILE D 15 -5.35 -3.03 6.12
CA ILE D 15 -5.34 -3.89 7.29
C ILE D 15 -3.88 -4.12 7.70
N LEU D 16 -3.02 -4.45 6.74
CA LEU D 16 -1.63 -4.79 7.09
C LEU D 16 -0.72 -3.68 7.59
N GLU D 17 -0.96 -2.45 7.14
CA GLU D 17 -0.08 -1.34 7.50
C GLU D 17 0.09 -1.33 9.00
N ALA D 18 -1.04 -1.28 9.72
CA ALA D 18 -1.04 -1.46 11.15
C ALA D 18 -0.31 -2.74 11.44
N PRO D 19 0.75 -2.67 12.25
CA PRO D 19 1.65 -3.82 12.43
C PRO D 19 0.94 -5.07 12.98
N GLU D 20 -0.11 -4.83 13.76
CA GLU D 20 -0.92 -5.87 14.36
C GLU D 20 -1.79 -6.61 13.36
N LYS D 21 -1.62 -6.32 12.07
CA LYS D 21 -2.37 -7.00 11.01
C LYS D 21 -3.88 -7.04 11.24
N GLN D 22 -4.44 -5.95 11.76
CA GLN D 22 -5.88 -5.83 11.99
C GLN D 22 -6.27 -4.41 12.36
N ARG D 23 -7.39 -3.92 11.82
CA ARG D 23 -7.79 -2.54 12.08
C ARG D 23 -9.28 -2.35 11.85
N THR D 24 -9.91 -1.53 12.69
CA THR D 24 -11.33 -1.27 12.55
C THR D 24 -11.68 -0.69 11.20
N LEU D 25 -12.99 -0.53 10.99
CA LEU D 25 -13.49 0.12 9.80
C LEU D 25 -12.95 1.54 9.75
N ASN D 26 -13.25 2.34 10.77
CA ASN D 26 -12.90 3.75 10.67
C ASN D 26 -11.40 4.00 10.70
N GLU D 27 -10.65 3.01 11.16
CA GLU D 27 -9.21 3.08 11.04
C GLU D 27 -8.84 2.89 9.57
N ILE D 28 -9.63 2.12 8.83
CA ILE D 28 -9.39 1.96 7.39
C ILE D 28 -9.75 3.20 6.62
N TYR D 29 -10.93 3.76 6.89
CA TYR D 29 -11.34 4.97 6.17
C TYR D 29 -10.19 6.00 6.15
N HIS D 30 -9.43 6.06 7.23
CA HIS D 30 -8.37 7.02 7.32
C HIS D 30 -7.19 6.70 6.43
N TRP D 31 -6.75 5.46 6.44
CA TRP D 31 -5.68 4.99 5.55
C TRP D 31 -6.00 5.38 4.13
N PHE D 32 -7.21 5.03 3.74
CA PHE D 32 -7.73 5.43 2.46
C PHE D 32 -7.65 6.94 2.25
N THR D 33 -7.89 7.73 3.29
CA THR D 33 -7.87 9.16 3.09
C THR D 33 -6.45 9.61 2.90
N ARG D 34 -5.53 9.03 3.66
CA ARG D 34 -4.16 9.50 3.68
C ARG D 34 -3.54 9.20 2.33
N MET D 35 -4.13 8.23 1.64
CA MET D 35 -3.85 8.01 0.25
C MET D 35 -4.53 9.05 -0.68
N PHE D 36 -5.87 9.09 -0.67
CA PHE D 36 -6.69 10.06 -1.38
C PHE D 36 -5.96 11.42 -1.44
N ALA D 37 -5.52 11.82 -0.26
CA ALA D 37 -4.86 13.08 -0.01
C ALA D 37 -3.61 13.13 -0.83
N PHE D 38 -2.68 12.28 -0.46
CA PHE D 38 -1.38 12.25 -1.11
C PHE D 38 -1.46 12.38 -2.63
N PHE D 39 -2.45 11.75 -3.24
CA PHE D 39 -2.47 11.75 -4.69
C PHE D 39 -3.11 13.00 -5.24
N ARG D 40 -4.02 13.58 -4.47
CA ARG D 40 -4.53 14.88 -4.86
C ARG D 40 -3.41 15.91 -4.82
N ASN D 41 -2.53 15.78 -3.83
CA ASN D 41 -1.39 16.71 -3.64
C ASN D 41 -0.28 16.63 -4.67
N HIS D 42 0.30 15.46 -4.84
CA HIS D 42 1.50 15.33 -5.63
C HIS D 42 1.32 14.67 -7.01
N PRO D 43 0.18 14.90 -7.70
CA PRO D 43 0.14 14.15 -8.96
C PRO D 43 1.09 14.73 -10.01
N ALA D 44 2.08 15.49 -9.55
CA ALA D 44 3.08 16.16 -10.38
C ALA D 44 3.97 15.21 -11.23
N THR D 45 5.27 15.51 -11.26
CA THR D 45 6.21 14.74 -12.07
C THR D 45 6.65 13.46 -11.34
N TRP D 46 5.67 12.79 -10.71
CA TRP D 46 5.85 11.64 -9.80
C TRP D 46 7.14 10.88 -9.99
N LYS D 47 7.22 10.11 -11.08
CA LYS D 47 8.45 9.45 -11.58
C LYS D 47 9.74 10.03 -11.06
N ASN D 48 9.93 11.31 -11.31
CA ASN D 48 11.17 11.99 -10.95
C ASN D 48 11.48 11.89 -9.44
N ALA D 49 10.54 12.32 -8.59
CA ALA D 49 10.55 12.03 -7.15
C ALA D 49 11.09 10.65 -6.82
N ILE D 50 10.53 9.66 -7.49
CA ILE D 50 10.80 8.28 -7.15
C ILE D 50 12.24 7.85 -7.46
N ARG D 51 13.00 8.50 -8.36
CA ARG D 51 14.43 8.15 -8.41
C ARG D 51 15.16 9.00 -7.41
N HIS D 52 14.62 10.20 -7.16
CA HIS D 52 15.25 11.09 -6.21
C HIS D 52 15.21 10.47 -4.83
N ASN D 53 14.14 9.74 -4.51
CA ASN D 53 14.09 9.16 -3.17
C ASN D 53 14.96 7.94 -3.16
N LEU D 54 14.64 6.89 -3.91
CA LEU D 54 15.42 5.63 -3.90
C LEU D 54 16.91 5.86 -3.66
N SER D 55 17.42 6.87 -4.34
CA SER D 55 18.82 7.26 -4.21
C SER D 55 19.09 7.87 -2.82
N LEU D 56 18.39 8.97 -2.52
CA LEU D 56 18.53 9.72 -1.27
C LEU D 56 18.38 8.94 0.03
N HIS D 57 17.15 8.57 0.39
CA HIS D 57 16.93 7.70 1.54
C HIS D 57 17.73 6.39 1.42
N LYS D 58 18.58 6.18 2.41
CA LYS D 58 19.59 5.14 2.34
C LYS D 58 19.02 3.83 2.81
N CYS D 59 17.76 3.85 3.18
CA CYS D 59 17.04 2.63 3.48
C CYS D 59 16.66 1.96 2.16
N PHE D 60 16.98 2.59 1.05
CA PHE D 60 16.79 1.99 -0.25
C PHE D 60 18.11 1.72 -0.87
N VAL D 61 18.23 0.49 -1.34
CA VAL D 61 19.49 -0.08 -1.73
C VAL D 61 19.44 -0.82 -3.07
N ARG D 62 20.44 -0.60 -3.90
CA ARG D 62 20.43 -1.23 -5.21
C ARG D 62 21.32 -2.47 -5.27
N VAL D 63 20.70 -3.54 -5.72
CA VAL D 63 21.29 -4.86 -5.77
C VAL D 63 21.19 -5.47 -7.15
N GLU D 64 22.04 -6.48 -7.38
CA GLU D 64 22.18 -7.10 -8.69
C GLU D 64 21.42 -8.44 -8.78
N SER D 65 20.57 -8.57 -9.81
CA SER D 65 19.89 -9.82 -10.15
C SER D 65 20.31 -10.23 -11.56
N GLU D 66 20.32 -11.53 -11.87
CA GLU D 66 20.64 -11.94 -13.25
C GLU D 66 19.38 -11.75 -14.07
N LYS D 67 18.36 -11.26 -13.37
CA LYS D 67 17.34 -10.42 -13.96
C LYS D 67 18.00 -9.12 -14.43
N GLY D 68 18.26 -8.23 -13.47
CA GLY D 68 18.88 -6.95 -13.77
C GLY D 68 19.17 -6.13 -12.52
N ALA D 69 19.35 -4.83 -12.70
CA ALA D 69 19.61 -3.93 -11.59
C ALA D 69 18.32 -3.54 -10.89
N VAL D 70 18.19 -3.90 -9.60
CA VAL D 70 16.96 -3.59 -8.89
C VAL D 70 17.11 -2.98 -7.49
N TRP D 71 16.01 -2.38 -7.01
CA TRP D 71 15.97 -1.73 -5.71
C TRP D 71 15.33 -2.59 -4.68
N THR D 72 15.90 -2.65 -3.49
CA THR D 72 15.22 -3.24 -2.33
C THR D 72 15.25 -2.26 -1.19
N VAL D 73 14.44 -2.57 -0.18
CA VAL D 73 14.44 -1.83 1.06
C VAL D 73 15.27 -2.59 2.07
N ASP D 74 16.03 -1.84 2.86
CA ASP D 74 16.70 -2.39 4.02
C ASP D 74 15.83 -2.08 5.21
N GLU D 75 15.02 -3.04 5.61
CA GLU D 75 14.03 -2.80 6.65
C GLU D 75 14.75 -2.51 7.95
N LEU D 76 15.95 -3.05 8.12
CA LEU D 76 16.73 -2.76 9.32
C LEU D 76 17.30 -1.33 9.32
N GLU D 77 17.11 -0.61 8.21
CA GLU D 77 17.60 0.78 8.13
C GLU D 77 16.50 1.83 8.01
N PHE D 78 15.25 1.39 7.98
CA PHE D 78 14.18 2.33 8.23
C PHE D 78 14.07 2.51 9.74
N ARG D 79 12.95 2.11 10.35
CA ARG D 79 12.50 2.55 11.68
C ARG D 79 13.29 3.76 12.25
N LYS D 80 14.54 3.54 12.66
CA LYS D 80 15.44 4.63 13.08
C LYS D 80 16.92 4.17 13.18
N LYS D 81 17.79 5.07 13.63
CA LYS D 81 19.15 4.74 14.10
C LYS D 81 19.78 5.93 14.82
#